data_1QI5
#
_entry.id   1QI5
#
_cell.length_a   65.720
_cell.length_b   170.900
_cell.length_c   46.800
_cell.angle_alpha   90.00
_cell.angle_beta   90.00
_cell.angle_gamma   90.00
#
_symmetry.space_group_name_H-M   'P 21 21 21'
#
loop_
_entity.id
_entity.type
_entity.pdbx_description
1 polymer 'PROTEIN (EXO-MALTOTETRAOHYDROLASE)'
2 branched alpha-D-glucopyranose-(1-4)-alpha-D-glucopyranose-(1-4)-alpha-D-glucopyranose-(1-4)-alpha-D-glucopyranose
3 non-polymer 'CALCIUM ION'
4 water water
#
_entity_poly.entity_id   1
_entity_poly.type   'polypeptide(L)'
_entity_poly.pdbx_seq_one_letter_code
;DQAGKSPNAVRYHGGDEIILQGFHWNVVREAPNDWYNILRQQAATIAADGFSAIWMPVPWRDFSSWSDGSKSGGGEGYFW
HDFNKNGRYGSDAQLRQAASALGGAGVKVLYDVVPNHMNRGYPDKEINLPAGQGFWRNDCADPGNYPNDCDDGDRFIGGD
ADLNTGHPQVYGMFRDEFTNLRSQYGAGGFRFDFVRGYAPERVNSWMTDSADNSFCVGELWKGPSEYPNWDWRNTASWQQ
IIKDWSDRAKCPVFDFALKERMQNGSIADWKHGLNGNPDPRWREVAVTFVDNHNTGYSPGQNGGQHHWALQDGLIRQAYA
YILTSPGTPVVYWDHMYDWGYGDFIRQLIQVRRAAGVRADSAISFHSGYSGLVATVSGSQQTLVVALNSDLGNPGQVASG
SFSEAVNASNGQVRVWRSGTGSGGGEPGA
;
_entity_poly.pdbx_strand_id   A
#
loop_
_chem_comp.id
_chem_comp.type
_chem_comp.name
_chem_comp.formula
CA non-polymer 'CALCIUM ION' 'Ca 2'
GLC D-saccharide, alpha linking alpha-D-glucopyranose 'C6 H12 O6'
#
# COMPACT_ATOMS: atom_id res chain seq x y z
N ASP A 1 -19.72 -4.51 4.84
CA ASP A 1 -18.29 -4.83 4.72
C ASP A 1 -18.07 -6.30 5.09
N GLN A 2 -17.85 -7.09 4.07
CA GLN A 2 -17.58 -8.53 4.18
C GLN A 2 -16.19 -8.66 4.79
N ALA A 3 -16.01 -9.67 5.65
CA ALA A 3 -14.75 -9.83 6.35
C ALA A 3 -13.95 -11.07 6.36
N GLY A 4 -14.03 -12.08 5.52
CA GLY A 4 -13.11 -13.22 5.79
C GLY A 4 -11.72 -13.17 5.23
N LYS A 5 -11.10 -14.33 5.33
CA LYS A 5 -9.79 -14.68 4.81
C LYS A 5 -10.03 -15.27 3.42
N SER A 6 -9.05 -15.16 2.54
CA SER A 6 -9.17 -15.72 1.19
C SER A 6 -9.17 -17.25 1.32
N PRO A 7 -9.38 -17.92 0.21
CA PRO A 7 -9.35 -19.38 0.12
C PRO A 7 -7.98 -19.95 0.45
N ASN A 8 -6.92 -19.20 0.41
CA ASN A 8 -5.56 -19.65 0.75
C ASN A 8 -5.20 -19.07 2.14
N ALA A 9 -6.20 -18.51 2.79
CA ALA A 9 -6.06 -17.92 4.10
C ALA A 9 -5.31 -16.60 4.11
N VAL A 10 -5.31 -15.89 3.01
CA VAL A 10 -4.65 -14.56 3.00
C VAL A 10 -5.64 -13.52 3.54
N ARG A 11 -5.15 -12.66 4.40
CA ARG A 11 -5.87 -11.62 5.12
C ARG A 11 -6.30 -10.42 4.31
N TYR A 12 -7.20 -10.61 3.39
CA TYR A 12 -7.75 -9.62 2.47
C TYR A 12 -9.07 -9.01 2.94
N HIS A 13 -9.54 -9.45 4.11
CA HIS A 13 -10.74 -8.92 4.72
C HIS A 13 -11.90 -8.78 3.78
N GLY A 14 -12.37 -9.89 3.26
CA GLY A 14 -13.54 -9.94 2.40
C GLY A 14 -13.22 -9.61 0.97
N GLY A 15 -12.08 -8.98 0.74
CA GLY A 15 -11.64 -8.62 -0.60
C GLY A 15 -12.54 -7.54 -1.16
N ASP A 16 -13.09 -6.73 -0.30
CA ASP A 16 -13.99 -5.66 -0.76
C ASP A 16 -13.52 -4.31 -0.23
N GLU A 17 -12.25 -4.18 0.13
CA GLU A 17 -11.77 -2.90 0.65
C GLU A 17 -11.39 -1.93 -0.48
N ILE A 18 -11.50 -0.66 -0.16
CA ILE A 18 -11.12 0.46 -1.01
C ILE A 18 -10.39 1.36 -0.01
N ILE A 19 -9.10 1.45 -0.10
CA ILE A 19 -8.20 2.18 0.79
C ILE A 19 -7.71 3.52 0.27
N LEU A 20 -7.67 4.46 1.21
CA LEU A 20 -7.12 5.81 1.02
C LEU A 20 -5.74 5.84 1.72
N GLN A 21 -4.72 6.29 1.03
CA GLN A 21 -3.39 6.41 1.67
C GLN A 21 -3.58 7.79 2.37
N GLY A 22 -3.67 7.79 3.66
CA GLY A 22 -3.92 8.95 4.46
C GLY A 22 -2.89 9.99 4.66
N PHE A 23 -1.90 10.19 3.83
CA PHE A 23 -0.84 11.20 4.00
C PHE A 23 -0.01 11.26 2.70
N HIS A 24 0.87 12.22 2.63
CA HIS A 24 1.82 12.41 1.53
C HIS A 24 3.19 12.56 2.23
N TRP A 25 4.27 12.57 1.56
CA TRP A 25 5.60 12.66 2.19
C TRP A 25 5.87 13.95 2.96
N ASN A 26 5.38 15.12 2.58
CA ASN A 26 5.72 16.35 3.30
C ASN A 26 4.73 16.79 4.32
N VAL A 27 3.88 15.95 4.83
CA VAL A 27 2.87 16.33 5.82
C VAL A 27 3.48 16.95 7.08
N VAL A 28 4.53 16.32 7.59
CA VAL A 28 5.22 16.80 8.78
C VAL A 28 5.84 18.15 8.51
N ARG A 29 5.98 18.56 7.26
CA ARG A 29 6.60 19.87 6.97
C ARG A 29 5.52 20.91 6.65
N GLU A 30 4.48 20.44 5.99
CA GLU A 30 3.37 21.29 5.58
C GLU A 30 2.34 21.49 6.66
N ALA A 31 1.97 20.51 7.45
CA ALA A 31 0.96 20.55 8.53
C ALA A 31 1.53 19.93 9.80
N PRO A 32 2.60 20.56 10.21
CA PRO A 32 3.38 20.14 11.40
C PRO A 32 2.52 19.98 12.62
N ASN A 33 2.50 18.77 13.16
CA ASN A 33 1.70 18.51 14.37
C ASN A 33 0.20 18.74 14.15
N ASP A 34 -0.28 18.81 12.92
CA ASP A 34 -1.71 19.09 12.73
C ASP A 34 -2.43 18.04 11.93
N TRP A 35 -1.67 17.10 11.39
CA TRP A 35 -2.24 16.05 10.56
C TRP A 35 -3.37 15.29 11.22
N TYR A 36 -3.27 14.88 12.46
CA TYR A 36 -4.37 14.15 13.10
C TYR A 36 -5.64 15.00 13.22
N ASN A 37 -5.48 16.29 13.43
CA ASN A 37 -6.60 17.23 13.51
C ASN A 37 -7.28 17.27 12.14
N ILE A 38 -6.49 17.37 11.09
CA ILE A 38 -7.03 17.41 9.71
C ILE A 38 -7.81 16.15 9.43
N LEU A 39 -7.28 14.99 9.73
CA LEU A 39 -7.96 13.72 9.53
C LEU A 39 -9.23 13.59 10.34
N ARG A 40 -9.24 14.10 11.57
CA ARG A 40 -10.42 13.99 12.43
C ARG A 40 -11.56 14.78 11.79
N GLN A 41 -11.18 15.90 11.21
CA GLN A 41 -12.12 16.80 10.54
C GLN A 41 -12.56 16.34 9.17
N GLN A 42 -11.80 15.59 8.46
CA GLN A 42 -12.04 15.04 7.12
C GLN A 42 -12.75 13.69 7.16
N ALA A 43 -12.76 13.09 8.35
CA ALA A 43 -13.31 11.76 8.55
C ALA A 43 -14.62 11.48 7.86
N ALA A 44 -15.57 12.40 7.97
CA ALA A 44 -16.91 12.24 7.37
C ALA A 44 -16.83 12.32 5.85
N THR A 45 -15.96 13.19 5.36
CA THR A 45 -15.72 13.40 3.94
C THR A 45 -15.13 12.11 3.36
N ILE A 46 -14.08 11.61 3.97
CA ILE A 46 -13.46 10.34 3.54
C ILE A 46 -14.47 9.20 3.51
N ALA A 47 -15.31 9.12 4.54
CA ALA A 47 -16.31 8.05 4.62
C ALA A 47 -17.32 8.20 3.48
N ALA A 48 -17.74 9.43 3.20
CA ALA A 48 -18.69 9.78 2.16
C ALA A 48 -18.16 9.57 0.73
N ASP A 49 -16.85 9.60 0.58
CA ASP A 49 -16.14 9.44 -0.70
C ASP A 49 -16.15 7.97 -1.10
N GLY A 50 -16.39 7.09 -0.14
CA GLY A 50 -16.49 5.67 -0.37
C GLY A 50 -15.36 4.78 0.09
N PHE A 51 -14.41 5.30 0.84
CA PHE A 51 -13.27 4.50 1.35
C PHE A 51 -13.76 3.61 2.47
N SER A 52 -13.23 2.42 2.55
CA SER A 52 -13.59 1.47 3.62
C SER A 52 -12.42 1.42 4.60
N ALA A 53 -11.27 1.97 4.22
CA ALA A 53 -10.11 1.92 5.11
C ALA A 53 -9.17 3.05 4.74
N ILE A 54 -8.40 3.43 5.73
CA ILE A 54 -7.40 4.50 5.60
C ILE A 54 -6.08 3.91 6.12
N TRP A 55 -5.04 4.20 5.38
CA TRP A 55 -3.64 3.82 5.70
C TRP A 55 -3.07 5.06 6.39
N MET A 56 -2.93 4.97 7.71
CA MET A 56 -2.41 6.04 8.55
C MET A 56 -0.86 6.06 8.49
N PRO A 57 -0.27 7.20 8.77
CA PRO A 57 1.18 7.32 8.83
C PRO A 57 1.72 6.50 10.00
N VAL A 58 3.02 6.34 10.09
CA VAL A 58 3.66 5.65 11.24
C VAL A 58 3.36 6.45 12.50
N PRO A 59 2.70 5.77 13.46
CA PRO A 59 2.32 6.37 14.72
C PRO A 59 3.46 6.65 15.68
N TRP A 60 4.53 5.91 15.55
CA TRP A 60 5.77 5.98 16.34
C TRP A 60 6.53 7.27 16.01
N ARG A 61 6.74 8.08 17.02
CA ARG A 61 7.40 9.40 16.89
C ARG A 61 8.75 9.31 16.23
N ASP A 62 9.00 10.24 15.31
CA ASP A 62 10.23 10.32 14.49
C ASP A 62 10.77 11.76 14.52
N PHE A 63 11.88 11.94 15.21
CA PHE A 63 12.50 13.27 15.29
C PHE A 63 13.83 13.24 14.52
N SER A 64 13.92 12.33 13.56
CA SER A 64 15.14 12.22 12.75
C SER A 64 15.23 13.42 11.80
N SER A 65 16.39 13.50 11.16
CA SER A 65 16.78 14.56 10.23
C SER A 65 17.99 14.16 9.38
N TRP A 66 18.03 14.61 8.14
CA TRP A 66 19.11 14.34 7.18
C TRP A 66 19.10 15.36 6.04
N SER A 67 20.22 15.40 5.35
CA SER A 67 20.39 16.33 4.21
C SER A 67 21.53 15.82 3.34
N ASP A 68 21.36 15.88 2.04
CA ASP A 68 22.40 15.48 1.08
C ASP A 68 22.20 16.42 -0.14
N GLY A 69 22.85 17.56 0.03
CA GLY A 69 22.80 18.60 -1.01
C GLY A 69 21.63 19.56 -0.75
N SER A 70 20.66 19.43 -1.63
CA SER A 70 19.44 20.25 -1.62
C SER A 70 18.28 19.50 -0.95
N LYS A 71 18.56 18.20 -0.85
CA LYS A 71 17.66 17.23 -0.27
C LYS A 71 17.74 17.25 1.26
N SER A 72 16.54 17.29 1.82
CA SER A 72 16.42 17.22 3.29
C SER A 72 15.15 16.40 3.58
N GLY A 73 15.10 15.79 4.73
CA GLY A 73 13.96 14.95 5.17
C GLY A 73 14.09 14.65 6.66
N GLY A 74 13.17 13.85 7.18
CA GLY A 74 13.14 13.42 8.57
C GLY A 74 11.81 13.69 9.23
N GLY A 75 11.45 12.87 10.18
CA GLY A 75 10.26 12.92 10.98
C GLY A 75 9.03 12.31 10.37
N GLU A 76 9.11 11.70 9.21
CA GLU A 76 7.96 11.13 8.51
C GLU A 76 7.43 9.85 9.07
N GLY A 77 8.20 9.22 9.91
CA GLY A 77 7.91 7.97 10.59
C GLY A 77 8.77 6.79 10.27
N TYR A 78 9.55 6.78 9.22
CA TYR A 78 10.39 5.65 8.77
C TYR A 78 11.69 5.50 9.52
N PHE A 79 11.97 6.38 10.47
CA PHE A 79 13.18 6.30 11.31
C PHE A 79 12.82 6.75 12.73
N TRP A 80 11.84 6.05 13.28
CA TRP A 80 11.28 6.21 14.61
C TRP A 80 12.30 5.78 15.67
N HIS A 81 12.15 6.31 16.90
CA HIS A 81 13.05 5.93 18.01
C HIS A 81 12.44 5.27 19.24
N ASP A 82 11.16 5.35 19.39
CA ASP A 82 10.19 4.99 20.36
C ASP A 82 8.80 4.60 19.83
N PHE A 83 7.98 4.02 20.67
CA PHE A 83 6.58 3.72 20.34
C PHE A 83 5.66 4.86 20.82
N ASN A 84 6.24 5.92 21.32
CA ASN A 84 5.51 7.09 21.83
C ASN A 84 4.79 7.78 20.65
N LYS A 85 3.52 8.03 20.76
CA LYS A 85 2.73 8.63 19.71
C LYS A 85 2.80 10.13 19.64
N ASN A 86 3.53 10.82 20.50
CA ASN A 86 3.62 12.31 20.41
C ASN A 86 4.80 12.66 19.51
N GLY A 87 4.56 12.61 18.21
CA GLY A 87 5.51 12.84 17.12
C GLY A 87 5.08 14.04 16.28
N ARG A 88 5.53 14.09 15.02
CA ARG A 88 5.24 15.24 14.16
C ARG A 88 3.90 15.34 13.48
N TYR A 89 3.08 14.32 13.58
CA TYR A 89 1.74 14.30 12.97
C TYR A 89 0.73 14.81 13.97
N GLY A 90 1.12 14.82 15.23
CA GLY A 90 0.19 15.26 16.29
C GLY A 90 0.40 14.43 17.54
N SER A 91 -0.32 14.80 18.58
CA SER A 91 -0.20 14.14 19.86
C SER A 91 -0.98 12.83 19.90
N ASP A 92 -0.67 12.11 20.96
CA ASP A 92 -1.29 10.82 21.27
C ASP A 92 -2.80 11.05 21.35
N ALA A 93 -3.17 12.09 22.07
CA ALA A 93 -4.57 12.43 22.27
C ALA A 93 -5.26 12.72 20.95
N GLN A 94 -4.59 13.38 20.05
CA GLN A 94 -5.18 13.71 18.73
C GLN A 94 -5.33 12.47 17.86
N LEU A 95 -4.40 11.57 18.06
CA LEU A 95 -4.37 10.30 17.33
C LEU A 95 -5.61 9.51 17.72
N ARG A 96 -5.75 9.40 19.04
CA ARG A 96 -6.93 8.66 19.53
C ARG A 96 -8.21 9.30 18.99
N GLN A 97 -8.29 10.61 18.96
CA GLN A 97 -9.46 11.36 18.50
C GLN A 97 -9.71 11.09 17.01
N ALA A 98 -8.60 11.09 16.29
CA ALA A 98 -8.63 10.84 14.85
C ALA A 98 -9.06 9.41 14.58
N ALA A 99 -8.49 8.44 15.26
CA ALA A 99 -8.85 7.04 15.04
C ALA A 99 -10.30 6.75 15.41
N SER A 100 -10.78 7.46 16.42
CA SER A 100 -12.14 7.37 16.93
C SER A 100 -13.14 7.91 15.90
N ALA A 101 -12.78 9.07 15.36
CA ALA A 101 -13.57 9.74 14.34
C ALA A 101 -13.63 8.92 13.06
N LEU A 102 -12.51 8.32 12.67
CA LEU A 102 -12.47 7.53 11.44
C LEU A 102 -13.32 6.28 11.60
N GLY A 103 -13.03 5.53 12.64
CA GLY A 103 -13.72 4.30 12.97
C GLY A 103 -15.21 4.51 13.17
N GLY A 104 -15.64 5.62 13.70
CA GLY A 104 -17.04 5.94 13.95
C GLY A 104 -17.78 6.23 12.64
N ALA A 105 -17.03 6.73 11.66
CA ALA A 105 -17.51 7.08 10.32
C ALA A 105 -17.54 5.81 9.47
N GLY A 106 -17.05 4.69 9.98
CA GLY A 106 -17.03 3.43 9.28
C GLY A 106 -15.76 3.13 8.50
N VAL A 107 -14.72 3.93 8.67
CA VAL A 107 -13.45 3.69 7.94
C VAL A 107 -12.51 2.91 8.86
N LYS A 108 -12.02 1.74 8.51
CA LYS A 108 -11.05 0.98 9.33
C LYS A 108 -9.70 1.72 9.33
N VAL A 109 -8.98 1.68 10.41
CA VAL A 109 -7.68 2.39 10.54
C VAL A 109 -6.54 1.42 10.36
N LEU A 110 -5.73 1.58 9.33
CA LEU A 110 -4.60 0.65 9.11
C LEU A 110 -3.33 1.41 9.48
N TYR A 111 -2.53 0.92 10.39
CA TYR A 111 -1.30 1.68 10.71
C TYR A 111 -0.13 1.10 9.90
N ASP A 112 0.73 2.04 9.57
CA ASP A 112 2.00 1.77 8.85
C ASP A 112 2.96 1.37 9.99
N VAL A 113 3.58 0.22 9.87
CA VAL A 113 4.54 -0.25 10.90
C VAL A 113 5.89 -0.56 10.24
N VAL A 114 6.92 -0.12 10.94
CA VAL A 114 8.31 -0.22 10.55
C VAL A 114 9.19 -1.03 11.50
N PRO A 115 9.14 -2.34 11.37
CA PRO A 115 9.88 -3.26 12.21
C PRO A 115 11.34 -3.53 11.89
N ASN A 116 11.75 -3.17 10.69
CA ASN A 116 13.09 -3.45 10.21
C ASN A 116 14.18 -2.71 10.97
N HIS A 117 13.96 -1.47 11.27
CA HIS A 117 15.04 -0.67 11.91
C HIS A 117 14.43 0.40 12.76
N MET A 118 15.26 1.13 13.48
CA MET A 118 14.85 2.21 14.36
C MET A 118 16.00 3.20 14.49
N ASN A 119 15.70 4.40 14.97
CA ASN A 119 16.71 5.45 15.15
C ASN A 119 17.48 5.17 16.46
N ARG A 120 18.43 4.30 16.29
CA ARG A 120 19.36 3.77 17.27
C ARG A 120 20.14 4.81 18.06
N GLY A 121 20.64 5.81 17.37
CA GLY A 121 21.44 6.89 17.86
C GLY A 121 20.75 8.05 18.52
N TYR A 122 19.44 8.06 18.45
CA TYR A 122 18.63 9.12 19.03
C TYR A 122 18.90 9.09 20.53
N PRO A 123 19.34 10.24 21.03
CA PRO A 123 19.70 10.42 22.43
C PRO A 123 18.57 10.22 23.41
N ASP A 124 17.45 10.89 23.22
CA ASP A 124 16.30 10.77 24.11
C ASP A 124 15.23 9.82 23.59
N LYS A 125 15.25 8.58 24.05
CA LYS A 125 14.26 7.58 23.59
C LYS A 125 13.98 6.62 24.73
N GLU A 126 12.82 6.01 24.70
CA GLU A 126 12.31 5.08 25.68
C GLU A 126 12.70 3.63 25.45
N ILE A 127 13.21 3.37 24.26
CA ILE A 127 13.62 2.01 23.86
C ILE A 127 15.13 2.02 23.63
N ASN A 128 15.85 1.35 24.52
CA ASN A 128 17.31 1.28 24.36
C ASN A 128 17.70 -0.21 24.51
N LEU A 129 18.12 -0.73 23.40
CA LEU A 129 18.60 -2.09 23.28
C LEU A 129 20.11 -1.95 23.03
N PRO A 130 20.86 -2.48 23.98
CA PRO A 130 22.32 -2.48 23.91
C PRO A 130 22.86 -3.50 22.90
N ALA A 131 24.13 -3.29 22.65
CA ALA A 131 24.92 -4.13 21.72
C ALA A 131 25.46 -5.33 22.48
N GLY A 132 25.75 -6.39 21.75
CA GLY A 132 26.27 -7.64 22.25
C GLY A 132 25.25 -8.59 22.81
N GLN A 133 23.97 -8.34 22.61
CA GLN A 133 22.91 -9.22 23.15
C GLN A 133 22.14 -9.93 22.06
N GLY A 134 22.48 -9.54 20.84
CA GLY A 134 21.93 -10.04 19.60
C GLY A 134 20.63 -9.32 19.19
N PHE A 135 20.45 -8.12 19.69
CA PHE A 135 19.27 -7.33 19.33
C PHE A 135 19.44 -6.68 17.95
N TRP A 136 20.65 -6.50 17.51
CA TRP A 136 20.93 -5.83 16.24
C TRP A 136 21.55 -6.73 15.22
N ARG A 137 21.36 -6.30 13.98
CA ARG A 137 21.90 -7.01 12.83
C ARG A 137 23.44 -7.05 12.92
N ASN A 138 23.95 -5.85 13.23
CA ASN A 138 25.40 -5.66 13.30
C ASN A 138 26.05 -6.31 14.51
N ASP A 139 25.25 -6.98 15.28
CA ASP A 139 25.75 -7.74 16.44
C ASP A 139 26.47 -8.94 15.81
N CYS A 140 26.10 -9.23 14.57
CA CYS A 140 26.70 -10.37 13.86
C CYS A 140 27.58 -9.77 12.75
N ALA A 141 28.23 -10.71 12.07
CA ALA A 141 29.13 -10.34 10.95
C ALA A 141 28.17 -10.05 9.78
N ASP A 142 28.34 -8.86 9.27
CA ASP A 142 27.55 -8.29 8.18
C ASP A 142 28.31 -8.10 6.88
N PRO A 143 28.42 -9.20 6.15
CA PRO A 143 29.08 -9.24 4.83
C PRO A 143 28.59 -8.10 3.94
N GLY A 144 27.33 -8.18 3.51
CA GLY A 144 26.70 -7.16 2.66
C GLY A 144 25.17 -7.24 2.88
N ASN A 145 24.48 -6.74 1.88
CA ASN A 145 23.00 -6.72 1.86
C ASN A 145 22.49 -8.11 1.50
N TYR A 146 22.41 -8.87 2.59
CA TYR A 146 21.99 -10.28 2.57
C TYR A 146 21.74 -10.68 4.01
N PRO A 147 20.89 -11.65 4.24
CA PRO A 147 20.60 -12.14 5.58
C PRO A 147 21.88 -12.59 6.29
N ASN A 148 22.01 -12.21 7.56
CA ASN A 148 23.16 -12.61 8.40
C ASN A 148 22.61 -13.39 9.57
N ASP A 149 23.38 -13.65 10.63
CA ASP A 149 22.77 -14.46 11.73
C ASP A 149 21.91 -13.62 12.67
N CYS A 150 22.05 -12.32 12.51
CA CYS A 150 21.32 -11.40 13.40
C CYS A 150 20.17 -10.71 12.71
N ASP A 151 19.83 -11.14 11.54
CA ASP A 151 18.78 -10.51 10.71
C ASP A 151 18.53 -11.40 9.49
N ASP A 152 17.36 -11.98 9.38
CA ASP A 152 17.06 -12.88 8.26
C ASP A 152 16.46 -12.17 7.04
N GLY A 153 16.78 -10.94 6.83
CA GLY A 153 16.26 -10.18 5.66
C GLY A 153 17.39 -9.24 5.21
N ASP A 154 17.02 -8.39 4.26
CA ASP A 154 17.96 -7.39 3.73
C ASP A 154 18.14 -6.38 4.86
N ARG A 155 19.01 -5.44 4.61
CA ARG A 155 19.31 -4.40 5.59
C ARG A 155 18.86 -3.09 5.02
N PHE A 156 18.77 -2.10 5.87
CA PHE A 156 18.32 -0.76 5.47
C PHE A 156 19.59 0.07 5.32
N ILE A 157 19.93 0.34 4.08
CA ILE A 157 21.15 1.10 3.73
C ILE A 157 22.39 0.40 4.32
N GLY A 158 22.98 1.02 5.32
CA GLY A 158 24.17 0.50 5.99
C GLY A 158 23.92 -0.72 6.84
N GLY A 159 22.73 -0.85 7.41
CA GLY A 159 22.39 -2.01 8.24
C GLY A 159 22.77 -1.82 9.69
N ASP A 160 23.13 -0.61 10.07
CA ASP A 160 23.53 -0.33 11.47
C ASP A 160 22.35 -0.03 12.39
N ALA A 161 21.18 0.20 11.82
CA ALA A 161 19.95 0.48 12.58
C ALA A 161 19.01 -0.72 12.48
N ASP A 162 19.44 -1.75 11.76
CA ASP A 162 18.65 -2.97 11.56
C ASP A 162 18.51 -3.79 12.85
N LEU A 163 17.30 -4.17 13.18
CA LEU A 163 16.98 -4.97 14.34
C LEU A 163 16.94 -6.46 13.95
N ASN A 164 17.21 -7.29 14.92
CA ASN A 164 17.13 -8.77 14.79
C ASN A 164 15.65 -9.02 15.17
N THR A 165 14.75 -8.84 14.21
CA THR A 165 13.33 -8.96 14.54
C THR A 165 12.98 -10.35 14.98
N GLY A 166 13.91 -11.28 14.77
CA GLY A 166 13.71 -12.69 15.16
C GLY A 166 14.18 -12.98 16.59
N HIS A 167 14.80 -11.98 17.21
CA HIS A 167 15.22 -12.16 18.63
C HIS A 167 13.90 -12.21 19.40
N PRO A 168 13.77 -13.24 20.22
CA PRO A 168 12.56 -13.45 21.03
C PRO A 168 12.02 -12.17 21.66
N GLN A 169 12.93 -11.36 22.14
CA GLN A 169 12.61 -10.11 22.80
C GLN A 169 12.23 -9.01 21.83
N VAL A 170 12.78 -9.05 20.62
CA VAL A 170 12.39 -7.99 19.68
C VAL A 170 11.03 -8.33 19.06
N TYR A 171 10.88 -9.61 18.76
CA TYR A 171 9.63 -10.10 18.21
C TYR A 171 8.46 -9.75 19.11
N GLY A 172 8.68 -10.01 20.38
CA GLY A 172 7.80 -9.84 21.51
C GLY A 172 7.42 -8.38 21.68
N MET A 173 8.41 -7.53 21.56
CA MET A 173 8.24 -6.07 21.62
C MET A 173 7.32 -5.58 20.51
N PHE A 174 7.48 -6.08 19.29
CA PHE A 174 6.62 -5.61 18.18
C PHE A 174 5.20 -6.14 18.41
N ARG A 175 5.11 -7.39 18.76
CA ARG A 175 3.88 -8.11 19.02
C ARG A 175 2.98 -7.36 19.98
N ASP A 176 3.58 -6.91 21.05
CA ASP A 176 2.89 -6.18 22.10
C ASP A 176 2.46 -4.81 21.60
N GLU A 177 3.25 -4.14 20.80
CA GLU A 177 2.85 -2.83 20.26
C GLU A 177 1.70 -2.99 19.28
N PHE A 178 1.69 -4.06 18.50
CA PHE A 178 0.63 -4.33 17.51
C PHE A 178 -0.71 -4.45 18.23
N THR A 179 -0.64 -5.14 19.36
CA THR A 179 -1.78 -5.42 20.21
C THR A 179 -2.27 -4.14 20.88
N ASN A 180 -1.33 -3.34 21.28
CA ASN A 180 -1.63 -2.03 21.90
C ASN A 180 -2.43 -1.19 20.88
N LEU A 181 -1.92 -1.17 19.67
CA LEU A 181 -2.49 -0.39 18.55
C LEU A 181 -3.90 -0.83 18.24
N ARG A 182 -4.16 -2.11 18.31
CA ARG A 182 -5.46 -2.70 18.10
C ARG A 182 -6.37 -2.41 19.28
N SER A 183 -5.84 -2.48 20.50
CA SER A 183 -6.71 -2.27 21.68
C SER A 183 -6.94 -0.86 22.15
N GLN A 184 -6.04 0.06 21.92
CA GLN A 184 -6.21 1.45 22.33
C GLN A 184 -6.21 2.48 21.21
N TYR A 185 -5.81 2.11 20.02
CA TYR A 185 -5.70 3.12 18.93
C TYR A 185 -6.52 2.75 17.71
N GLY A 186 -7.45 1.85 17.96
CA GLY A 186 -8.40 1.31 17.05
C GLY A 186 -7.90 0.75 15.74
N ALA A 187 -6.78 0.05 15.73
CA ALA A 187 -6.24 -0.54 14.51
C ALA A 187 -7.17 -1.60 13.94
N GLY A 188 -7.38 -1.54 12.65
CA GLY A 188 -8.18 -2.48 11.86
C GLY A 188 -7.19 -3.34 11.03
N GLY A 189 -5.91 -2.99 11.12
CA GLY A 189 -4.89 -3.72 10.36
C GLY A 189 -3.63 -2.89 10.28
N PHE A 190 -2.70 -3.48 9.53
CA PHE A 190 -1.36 -2.92 9.35
C PHE A 190 -0.86 -3.00 7.92
N ARG A 191 -0.06 -2.02 7.62
CA ARG A 191 0.71 -1.87 6.36
C ARG A 191 2.18 -2.10 6.84
N PHE A 192 2.80 -3.19 6.40
CA PHE A 192 4.15 -3.56 6.81
C PHE A 192 5.17 -2.94 5.86
N ASP A 193 6.05 -2.19 6.49
CA ASP A 193 7.11 -1.54 5.74
C ASP A 193 8.34 -2.41 5.52
N PHE A 194 8.95 -2.20 4.36
CA PHE A 194 10.21 -2.82 3.95
C PHE A 194 10.28 -4.29 4.31
N VAL A 195 9.33 -5.04 3.82
CA VAL A 195 9.19 -6.48 4.04
C VAL A 195 10.37 -7.27 3.52
N ARG A 196 11.20 -6.69 2.71
CA ARG A 196 12.41 -7.33 2.19
C ARG A 196 13.41 -7.49 3.34
N GLY A 197 13.26 -6.70 4.38
CA GLY A 197 14.15 -6.72 5.50
C GLY A 197 14.03 -7.75 6.57
N TYR A 198 13.06 -8.61 6.48
CA TYR A 198 12.88 -9.62 7.56
C TYR A 198 12.04 -10.70 6.95
N ALA A 199 11.89 -11.84 7.57
CA ALA A 199 11.13 -12.97 7.05
C ALA A 199 9.62 -12.75 6.94
N PRO A 200 9.08 -13.21 5.82
CA PRO A 200 7.65 -13.10 5.53
C PRO A 200 6.86 -13.83 6.61
N GLU A 201 7.46 -14.94 7.00
CA GLU A 201 6.81 -15.80 7.99
C GLU A 201 6.57 -15.08 9.31
N ARG A 202 7.43 -14.15 9.62
CA ARG A 202 7.33 -13.37 10.86
C ARG A 202 6.09 -12.47 10.83
N VAL A 203 5.72 -12.06 9.62
CA VAL A 203 4.55 -11.19 9.42
C VAL A 203 3.31 -12.04 9.71
N ASN A 204 3.30 -13.24 9.22
CA ASN A 204 2.15 -14.12 9.52
C ASN A 204 2.06 -14.34 11.04
N SER A 205 3.19 -14.53 11.69
CA SER A 205 3.34 -14.73 13.10
C SER A 205 2.79 -13.56 13.91
N TRP A 206 3.18 -12.37 13.57
CA TRP A 206 2.75 -11.13 14.22
C TRP A 206 1.25 -10.93 14.03
N MET A 207 0.76 -11.26 12.86
CA MET A 207 -0.67 -11.13 12.50
C MET A 207 -1.47 -12.14 13.30
N THR A 208 -1.03 -13.39 13.29
CA THR A 208 -1.66 -14.48 14.02
C THR A 208 -1.84 -14.14 15.50
N ASP A 209 -0.79 -13.59 16.08
CA ASP A 209 -0.72 -13.20 17.47
C ASP A 209 -1.56 -11.98 17.84
N SER A 210 -1.51 -10.94 17.02
CA SER A 210 -2.19 -9.70 17.33
C SER A 210 -3.47 -9.32 16.66
N ALA A 211 -3.66 -9.68 15.41
CA ALA A 211 -4.87 -9.26 14.65
C ALA A 211 -5.08 -10.21 13.49
N ASP A 212 -5.24 -11.45 13.87
CA ASP A 212 -5.39 -12.56 12.95
C ASP A 212 -6.47 -12.34 11.91
N ASN A 213 -7.55 -11.70 12.31
CA ASN A 213 -8.67 -11.48 11.39
C ASN A 213 -8.66 -10.11 10.75
N SER A 214 -7.66 -9.33 10.99
CA SER A 214 -7.50 -7.98 10.42
C SER A 214 -6.99 -8.01 8.99
N PHE A 215 -6.89 -6.80 8.46
CA PHE A 215 -6.39 -6.58 7.09
C PHE A 215 -4.89 -6.31 7.23
N CYS A 216 -4.16 -6.77 6.26
CA CYS A 216 -2.71 -6.51 6.25
C CYS A 216 -2.26 -6.38 4.80
N VAL A 217 -1.20 -5.67 4.58
CA VAL A 217 -0.61 -5.51 3.26
C VAL A 217 0.90 -5.31 3.52
N GLY A 218 1.70 -5.87 2.66
CA GLY A 218 3.15 -5.71 2.80
C GLY A 218 3.69 -5.02 1.56
N GLU A 219 4.73 -4.22 1.79
CA GLU A 219 5.39 -3.51 0.73
C GLU A 219 6.70 -4.26 0.43
N LEU A 220 6.66 -5.00 -0.67
CA LEU A 220 7.84 -5.70 -1.13
C LEU A 220 8.24 -5.01 -2.44
N TRP A 221 9.25 -4.20 -2.41
CA TRP A 221 9.78 -3.46 -3.56
C TRP A 221 11.19 -3.99 -3.84
N LYS A 222 11.26 -5.00 -4.69
CA LYS A 222 12.57 -5.62 -4.99
C LYS A 222 12.41 -6.37 -6.31
N GLY A 223 13.11 -5.93 -7.33
CA GLY A 223 13.06 -6.52 -8.66
C GLY A 223 13.99 -7.72 -8.75
N PRO A 224 13.75 -8.49 -9.78
CA PRO A 224 14.50 -9.73 -10.04
C PRO A 224 16.00 -9.57 -9.95
N SER A 225 16.52 -8.53 -10.57
CA SER A 225 17.97 -8.25 -10.58
C SER A 225 18.56 -7.95 -9.22
N GLU A 226 17.75 -7.85 -8.18
CA GLU A 226 18.25 -7.55 -6.84
C GLU A 226 18.57 -8.80 -6.06
N TYR A 227 18.15 -9.91 -6.61
CA TYR A 227 18.42 -11.19 -5.98
C TYR A 227 19.73 -11.74 -6.56
N PRO A 228 20.28 -12.67 -5.80
CA PRO A 228 21.51 -13.37 -6.23
C PRO A 228 21.18 -14.21 -7.48
N ASN A 229 22.14 -14.39 -8.34
CA ASN A 229 22.11 -15.09 -9.62
C ASN A 229 21.66 -16.52 -9.57
N TRP A 230 21.96 -17.12 -8.43
CA TRP A 230 21.60 -18.51 -8.16
C TRP A 230 20.18 -18.61 -7.61
N ASP A 231 19.58 -17.48 -7.24
CA ASP A 231 18.22 -17.45 -6.67
C ASP A 231 17.21 -17.58 -7.79
N TRP A 232 16.13 -18.31 -7.61
CA TRP A 232 15.12 -18.48 -8.65
C TRP A 232 14.44 -17.13 -8.98
N ARG A 233 14.61 -16.19 -8.08
CA ARG A 233 13.93 -14.88 -8.24
C ARG A 233 14.65 -13.96 -9.15
N ASN A 234 15.93 -14.23 -9.29
CA ASN A 234 16.78 -13.40 -10.16
C ASN A 234 16.22 -13.49 -11.58
N THR A 235 15.53 -14.58 -11.86
CA THR A 235 14.96 -14.81 -13.19
C THR A 235 13.45 -14.88 -13.24
N ALA A 236 12.77 -14.59 -12.16
CA ALA A 236 11.31 -14.63 -12.07
C ALA A 236 10.73 -13.29 -12.52
N SER A 237 9.42 -13.29 -12.66
CA SER A 237 8.69 -12.07 -13.03
C SER A 237 8.46 -11.33 -11.70
N TRP A 238 8.15 -10.07 -11.85
CA TRP A 238 7.83 -9.26 -10.66
C TRP A 238 6.63 -9.90 -9.99
N GLN A 239 5.72 -10.48 -10.71
CA GLN A 239 4.54 -11.15 -10.22
C GLN A 239 4.83 -12.34 -9.30
N GLN A 240 5.74 -13.18 -9.68
CA GLN A 240 6.10 -14.37 -8.90
C GLN A 240 6.81 -13.98 -7.61
N ILE A 241 7.62 -12.95 -7.74
CA ILE A 241 8.35 -12.51 -6.54
C ILE A 241 7.36 -12.05 -5.48
N ILE A 242 6.46 -11.09 -5.78
CA ILE A 242 5.49 -10.58 -4.82
C ILE A 242 4.50 -11.63 -4.37
N LYS A 243 4.10 -12.52 -5.23
CA LYS A 243 3.17 -13.63 -4.92
C LYS A 243 3.75 -14.59 -3.90
N ASP A 244 5.00 -14.90 -4.03
CA ASP A 244 5.74 -15.78 -3.11
C ASP A 244 5.74 -15.13 -1.72
N TRP A 245 6.02 -13.87 -1.57
CA TRP A 245 5.99 -13.19 -0.30
C TRP A 245 4.59 -13.34 0.33
N SER A 246 3.58 -13.11 -0.48
CA SER A 246 2.19 -13.16 0.01
C SER A 246 1.78 -14.53 0.47
N ASP A 247 2.27 -15.59 -0.15
CA ASP A 247 1.96 -16.97 0.24
C ASP A 247 2.52 -17.29 1.64
N ARG A 248 3.65 -16.70 1.97
CA ARG A 248 4.32 -16.88 3.25
C ARG A 248 3.86 -15.97 4.36
N ALA A 249 3.65 -14.71 4.12
CA ALA A 249 3.20 -13.78 5.15
C ALA A 249 1.70 -13.91 5.39
N LYS A 250 0.99 -14.48 4.47
CA LYS A 250 -0.47 -14.64 4.48
C LYS A 250 -1.21 -13.30 4.55
N CYS A 251 -0.67 -12.31 3.86
CA CYS A 251 -1.15 -10.98 3.69
C CYS A 251 -1.10 -10.54 2.22
N PRO A 252 -2.12 -9.80 1.85
CA PRO A 252 -2.09 -9.16 0.51
C PRO A 252 -0.73 -8.43 0.40
N VAL A 253 -0.33 -8.15 -0.83
CA VAL A 253 0.94 -7.48 -1.17
C VAL A 253 0.74 -6.40 -2.22
N PHE A 254 1.46 -5.32 -2.10
CA PHE A 254 1.39 -4.21 -3.05
C PHE A 254 1.82 -4.76 -4.42
N ASP A 255 1.01 -4.43 -5.40
CA ASP A 255 1.20 -4.80 -6.80
C ASP A 255 2.28 -3.95 -7.47
N PHE A 256 3.54 -4.38 -7.23
CA PHE A 256 4.70 -3.69 -7.84
C PHE A 256 4.93 -4.15 -9.28
N ALA A 257 4.30 -5.23 -9.68
CA ALA A 257 4.28 -5.81 -11.02
C ALA A 257 3.43 -4.85 -11.86
N LEU A 258 2.26 -4.42 -11.41
CA LEU A 258 1.45 -3.44 -12.14
C LEU A 258 2.19 -2.09 -12.16
N LYS A 259 2.79 -1.63 -11.09
CA LYS A 259 3.52 -0.37 -10.98
C LYS A 259 4.66 -0.35 -12.00
N GLU A 260 5.46 -1.39 -12.07
CA GLU A 260 6.57 -1.41 -13.04
C GLU A 260 6.09 -1.38 -14.48
N ARG A 261 4.98 -1.98 -14.80
CA ARG A 261 4.38 -1.98 -16.14
C ARG A 261 3.83 -0.59 -16.48
N MET A 262 3.29 0.10 -15.48
CA MET A 262 2.73 1.46 -15.59
C MET A 262 3.83 2.44 -15.98
N GLN A 263 5.01 2.22 -15.42
CA GLN A 263 6.23 2.96 -15.58
C GLN A 263 7.07 2.56 -16.79
N ASN A 264 7.16 1.27 -17.10
CA ASN A 264 8.00 0.88 -18.23
C ASN A 264 7.25 0.38 -19.43
N GLY A 265 6.07 -0.15 -19.34
CA GLY A 265 5.39 -0.66 -20.54
C GLY A 265 4.40 0.33 -21.09
N SER A 266 3.60 -0.21 -22.00
CA SER A 266 2.53 0.65 -22.59
C SER A 266 1.24 0.31 -21.84
N ILE A 267 0.21 1.09 -22.06
CA ILE A 267 -1.06 0.84 -21.35
C ILE A 267 -1.53 -0.57 -21.59
N ALA A 268 -1.25 -1.08 -22.80
CA ALA A 268 -1.74 -2.45 -23.10
C ALA A 268 -1.07 -3.47 -22.22
N ASP A 269 0.14 -3.22 -21.81
CA ASP A 269 0.91 -4.09 -20.93
C ASP A 269 0.46 -4.02 -19.48
N TRP A 270 -0.49 -3.19 -19.15
CA TRP A 270 -0.95 -3.07 -17.75
C TRP A 270 -1.56 -4.39 -17.29
N LYS A 271 -1.94 -5.17 -18.30
CA LYS A 271 -2.54 -6.47 -18.07
C LYS A 271 -1.58 -7.44 -17.43
N HIS A 272 -0.32 -7.08 -17.30
CA HIS A 272 0.68 -7.96 -16.70
C HIS A 272 0.93 -7.71 -15.24
N GLY A 273 0.11 -6.88 -14.60
CA GLY A 273 0.37 -6.69 -13.12
C GLY A 273 -0.20 -7.94 -12.44
N LEU A 274 0.00 -8.05 -11.14
CA LEU A 274 -0.53 -9.21 -10.43
C LEU A 274 -2.05 -9.29 -10.51
N ASN A 275 -2.75 -8.18 -10.50
CA ASN A 275 -4.20 -8.08 -10.50
C ASN A 275 -4.89 -8.50 -11.79
N GLY A 276 -4.16 -8.69 -12.86
CA GLY A 276 -4.76 -9.08 -14.14
C GLY A 276 -4.59 -10.57 -14.32
N ASN A 277 -3.97 -11.20 -13.35
CA ASN A 277 -3.68 -12.64 -13.37
C ASN A 277 -4.95 -13.48 -13.45
N PRO A 278 -4.98 -14.37 -14.42
CA PRO A 278 -6.11 -15.26 -14.66
C PRO A 278 -6.51 -16.16 -13.51
N ASP A 279 -5.61 -16.42 -12.61
CA ASP A 279 -5.90 -17.29 -11.43
C ASP A 279 -6.35 -16.35 -10.32
N PRO A 280 -7.51 -16.60 -9.77
CA PRO A 280 -8.05 -15.73 -8.74
C PRO A 280 -7.21 -15.79 -7.50
N ARG A 281 -6.48 -16.89 -7.25
CA ARG A 281 -5.68 -16.99 -6.04
C ARG A 281 -4.50 -16.04 -6.18
N TRP A 282 -4.20 -15.67 -7.39
CA TRP A 282 -3.09 -14.73 -7.67
C TRP A 282 -3.53 -13.27 -7.64
N ARG A 283 -4.59 -12.98 -8.38
CA ARG A 283 -5.05 -11.59 -8.48
C ARG A 283 -5.65 -11.04 -7.21
N GLU A 284 -6.36 -11.84 -6.44
CA GLU A 284 -7.04 -11.43 -5.21
C GLU A 284 -6.17 -10.91 -4.09
N VAL A 285 -4.87 -11.24 -4.15
CA VAL A 285 -3.92 -10.77 -3.15
C VAL A 285 -3.22 -9.50 -3.57
N ALA A 286 -3.48 -8.98 -4.76
CA ALA A 286 -2.82 -7.75 -5.23
C ALA A 286 -3.43 -6.54 -4.56
N VAL A 287 -2.64 -5.56 -4.19
CA VAL A 287 -3.03 -4.28 -3.61
C VAL A 287 -2.44 -3.21 -4.57
N THR A 288 -3.25 -2.72 -5.46
CA THR A 288 -2.94 -1.77 -6.54
C THR A 288 -2.91 -0.35 -6.07
N PHE A 289 -2.02 0.41 -6.72
CA PHE A 289 -1.83 1.84 -6.39
C PHE A 289 -1.32 2.52 -7.66
N VAL A 290 -1.32 3.86 -7.70
CA VAL A 290 -0.82 4.58 -8.87
C VAL A 290 0.51 5.22 -8.44
N ASP A 291 0.50 5.74 -7.25
CA ASP A 291 1.72 6.35 -6.67
C ASP A 291 1.60 6.23 -5.17
N ASN A 292 2.70 6.35 -4.47
CA ASN A 292 2.67 6.40 -2.98
C ASN A 292 3.56 7.62 -2.63
N HIS A 293 3.82 7.78 -1.37
CA HIS A 293 4.67 8.78 -0.71
C HIS A 293 6.11 8.71 -1.16
N ASN A 294 6.62 7.60 -1.64
CA ASN A 294 7.96 7.41 -2.12
C ASN A 294 7.99 7.53 -3.65
N THR A 295 7.13 6.78 -4.30
CA THR A 295 7.16 6.79 -5.75
C THR A 295 6.63 8.09 -6.35
N GLY A 296 5.57 8.68 -5.79
CA GLY A 296 5.01 9.88 -6.42
C GLY A 296 5.51 11.19 -5.87
N TYR A 297 4.91 12.27 -6.31
CA TYR A 297 5.23 13.62 -5.83
C TYR A 297 4.43 13.88 -4.56
N SER A 298 4.69 14.94 -3.90
CA SER A 298 4.04 15.43 -2.71
C SER A 298 4.09 16.96 -2.79
N PRO A 299 3.06 17.60 -2.27
CA PRO A 299 3.03 19.06 -2.22
C PRO A 299 4.21 19.50 -1.36
N GLY A 300 4.62 20.75 -1.53
CA GLY A 300 5.72 21.27 -0.71
C GLY A 300 7.08 21.05 -1.36
N GLN A 301 8.08 21.04 -0.52
CA GLN A 301 9.50 20.89 -0.67
C GLN A 301 9.95 19.68 -1.48
N ASN A 302 10.74 20.05 -2.47
CA ASN A 302 11.39 19.15 -3.44
C ASN A 302 10.36 18.35 -4.24
N GLY A 303 9.12 18.76 -4.12
CA GLY A 303 8.06 18.00 -4.84
C GLY A 303 8.03 16.64 -4.12
N GLY A 304 8.55 16.58 -2.91
CA GLY A 304 8.55 15.33 -2.17
C GLY A 304 9.57 14.33 -2.68
N GLN A 305 9.26 13.05 -2.69
CA GLN A 305 10.28 12.08 -3.12
C GLN A 305 10.36 11.73 -4.59
N HIS A 306 9.26 11.50 -5.24
CA HIS A 306 9.14 11.14 -6.64
C HIS A 306 10.20 10.19 -7.18
N HIS A 307 10.34 9.02 -6.61
CA HIS A 307 11.29 7.99 -7.06
C HIS A 307 10.87 7.23 -8.32
N TRP A 308 9.58 7.12 -8.56
CA TRP A 308 9.05 6.35 -9.73
C TRP A 308 7.62 6.84 -9.96
N ALA A 309 7.49 8.14 -10.28
CA ALA A 309 6.23 8.83 -10.45
C ALA A 309 5.51 8.65 -11.76
N LEU A 310 4.20 8.42 -11.72
CA LEU A 310 3.46 8.26 -12.99
C LEU A 310 3.20 9.65 -13.57
N GLN A 311 3.46 9.79 -14.84
CA GLN A 311 3.26 11.09 -15.56
C GLN A 311 1.79 11.51 -15.55
N ASP A 312 1.56 12.81 -15.37
CA ASP A 312 0.21 13.34 -15.26
C ASP A 312 -0.73 12.95 -16.38
N GLY A 313 -0.24 12.70 -17.57
CA GLY A 313 -1.06 12.31 -18.70
C GLY A 313 -1.62 10.91 -18.58
N LEU A 314 -1.22 10.12 -17.60
CA LEU A 314 -1.73 8.76 -17.42
C LEU A 314 -2.44 8.62 -16.07
N ILE A 315 -2.54 9.68 -15.30
CA ILE A 315 -3.19 9.59 -13.98
C ILE A 315 -4.62 9.11 -14.03
N ARG A 316 -5.42 9.75 -14.88
CA ARG A 316 -6.83 9.38 -15.05
C ARG A 316 -7.03 7.95 -15.50
N GLN A 317 -6.27 7.52 -16.49
CA GLN A 317 -6.31 6.15 -17.03
C GLN A 317 -5.86 5.16 -15.96
N ALA A 318 -4.84 5.53 -15.20
CA ALA A 318 -4.29 4.68 -14.13
C ALA A 318 -5.35 4.42 -13.07
N TYR A 319 -5.99 5.49 -12.62
CA TYR A 319 -7.09 5.33 -11.63
C TYR A 319 -8.29 4.59 -12.18
N ALA A 320 -8.64 4.83 -13.44
CA ALA A 320 -9.79 4.15 -14.10
C ALA A 320 -9.54 2.65 -14.11
N TYR A 321 -8.27 2.33 -14.36
CA TYR A 321 -7.90 0.91 -14.35
C TYR A 321 -7.95 0.34 -12.97
N ILE A 322 -7.29 0.91 -11.94
CA ILE A 322 -7.30 0.26 -10.64
C ILE A 322 -8.66 0.24 -9.95
N LEU A 323 -9.47 1.25 -10.19
CA LEU A 323 -10.77 1.31 -9.50
C LEU A 323 -11.77 0.35 -10.11
N THR A 324 -11.57 -0.02 -11.37
CA THR A 324 -12.48 -0.96 -12.02
C THR A 324 -11.99 -2.40 -12.09
N SER A 325 -10.80 -2.72 -11.66
CA SER A 325 -10.33 -4.13 -11.81
C SER A 325 -10.11 -4.85 -10.52
N PRO A 326 -9.77 -6.13 -10.65
CA PRO A 326 -9.49 -7.02 -9.52
C PRO A 326 -8.35 -6.50 -8.64
N GLY A 327 -8.19 -7.12 -7.50
CA GLY A 327 -7.25 -6.76 -6.44
C GLY A 327 -7.97 -5.69 -5.57
N THR A 328 -7.22 -5.10 -4.67
CA THR A 328 -7.66 -4.06 -3.76
C THR A 328 -6.95 -2.75 -4.07
N PRO A 329 -7.70 -1.73 -4.48
CA PRO A 329 -7.13 -0.45 -4.83
C PRO A 329 -6.87 0.47 -3.65
N VAL A 330 -5.84 1.30 -3.83
CA VAL A 330 -5.37 2.34 -2.92
C VAL A 330 -5.33 3.68 -3.70
N VAL A 331 -5.89 4.70 -3.10
CA VAL A 331 -5.92 6.04 -3.67
C VAL A 331 -4.97 6.92 -2.87
N TYR A 332 -4.13 7.64 -3.53
CA TYR A 332 -3.12 8.55 -2.97
C TYR A 332 -3.75 9.83 -2.49
N TRP A 333 -3.50 10.17 -1.25
CA TRP A 333 -4.06 11.36 -0.64
C TRP A 333 -4.14 12.52 -1.65
N ASP A 334 -3.00 12.82 -2.22
CA ASP A 334 -2.81 13.93 -3.14
C ASP A 334 -3.65 14.01 -4.37
N HIS A 335 -3.75 12.89 -5.03
CA HIS A 335 -4.56 12.84 -6.23
C HIS A 335 -6.00 13.10 -5.78
N MET A 336 -6.38 12.54 -4.67
CA MET A 336 -7.73 12.67 -4.11
C MET A 336 -8.02 14.07 -3.59
N TYR A 337 -7.17 14.58 -2.70
CA TYR A 337 -7.45 15.86 -2.07
C TYR A 337 -6.65 17.08 -2.40
N ASP A 338 -5.56 17.04 -3.10
CA ASP A 338 -4.75 18.21 -3.40
C ASP A 338 -4.80 18.66 -4.86
N TRP A 339 -4.68 17.67 -5.73
CA TRP A 339 -4.56 17.89 -7.18
C TRP A 339 -5.82 17.90 -8.01
N GLY A 340 -6.97 17.77 -7.44
CA GLY A 340 -8.25 17.85 -8.17
C GLY A 340 -8.72 16.68 -8.97
N TYR A 341 -8.34 15.45 -8.64
CA TYR A 341 -8.75 14.24 -9.31
C TYR A 341 -9.92 13.62 -8.53
N GLY A 342 -10.24 14.22 -7.43
CA GLY A 342 -11.24 13.89 -6.48
C GLY A 342 -12.59 13.49 -7.04
N ASP A 343 -13.12 14.41 -7.85
CA ASP A 343 -14.46 14.17 -8.45
C ASP A 343 -14.45 12.93 -9.32
N PHE A 344 -13.38 12.82 -10.08
CA PHE A 344 -13.18 11.70 -11.00
C PHE A 344 -13.09 10.42 -10.19
N ILE A 345 -12.24 10.43 -9.15
CA ILE A 345 -12.10 9.24 -8.32
C ILE A 345 -13.42 8.89 -7.65
N ARG A 346 -14.19 9.87 -7.20
CA ARG A 346 -15.46 9.56 -6.53
C ARG A 346 -16.35 8.81 -7.53
N GLN A 347 -16.41 9.26 -8.77
CA GLN A 347 -17.29 8.58 -9.73
C GLN A 347 -16.92 7.09 -9.83
N LEU A 348 -15.62 6.85 -9.97
CA LEU A 348 -15.14 5.45 -10.16
C LEU A 348 -15.40 4.58 -8.96
N ILE A 349 -15.27 5.16 -7.78
CA ILE A 349 -15.51 4.39 -6.54
C ILE A 349 -16.95 3.91 -6.60
N GLN A 350 -17.83 4.81 -7.04
CA GLN A 350 -19.25 4.54 -7.13
C GLN A 350 -19.50 3.47 -8.20
N VAL A 351 -18.78 3.59 -9.28
CA VAL A 351 -18.92 2.58 -10.37
C VAL A 351 -18.52 1.21 -9.86
N ARG A 352 -17.39 1.14 -9.17
CA ARG A 352 -16.88 -0.13 -8.65
C ARG A 352 -17.85 -0.77 -7.66
N ARG A 353 -18.38 0.07 -6.77
CA ARG A 353 -19.34 -0.42 -5.76
C ARG A 353 -20.65 -0.85 -6.41
N ALA A 354 -21.17 -0.14 -7.39
CA ALA A 354 -22.40 -0.55 -8.07
C ALA A 354 -22.23 -1.85 -8.83
N ALA A 355 -21.09 -2.02 -9.48
CA ALA A 355 -20.91 -3.25 -10.25
C ALA A 355 -20.66 -4.42 -9.31
N GLY A 356 -20.28 -4.17 -8.11
CA GLY A 356 -19.98 -5.30 -7.20
C GLY A 356 -18.65 -5.91 -7.58
N VAL A 357 -17.70 -5.09 -8.00
CA VAL A 357 -16.36 -5.61 -8.36
C VAL A 357 -15.58 -5.92 -7.08
N ARG A 358 -14.88 -7.04 -7.03
CA ARG A 358 -14.13 -7.41 -5.82
C ARG A 358 -12.74 -7.93 -6.19
N ALA A 359 -11.93 -8.15 -5.17
CA ALA A 359 -10.54 -8.59 -5.29
C ALA A 359 -10.40 -9.73 -6.25
N ASP A 360 -11.33 -10.66 -6.17
CA ASP A 360 -11.29 -11.85 -7.02
C ASP A 360 -12.11 -11.79 -8.26
N SER A 361 -12.76 -10.68 -8.60
CA SER A 361 -13.54 -10.57 -9.83
C SER A 361 -12.67 -10.92 -11.03
N ALA A 362 -13.29 -11.46 -12.05
CA ALA A 362 -12.70 -11.87 -13.31
C ALA A 362 -12.51 -10.69 -14.25
N ILE A 363 -11.41 -10.74 -14.96
CA ILE A 363 -11.03 -9.74 -15.94
C ILE A 363 -10.46 -10.47 -17.17
N SER A 364 -10.91 -10.04 -18.33
CA SER A 364 -10.51 -10.53 -19.63
C SER A 364 -9.99 -9.36 -20.45
N PHE A 365 -8.93 -9.59 -21.18
CA PHE A 365 -8.38 -8.50 -22.00
C PHE A 365 -8.69 -8.78 -23.47
N HIS A 366 -9.05 -7.74 -24.19
CA HIS A 366 -9.40 -7.83 -25.61
C HIS A 366 -8.32 -7.22 -26.46
N SER A 367 -7.69 -8.12 -27.17
CA SER A 367 -6.61 -8.02 -28.10
C SER A 367 -6.74 -7.24 -29.40
N GLY A 368 -7.94 -7.13 -29.98
CA GLY A 368 -8.13 -6.46 -31.22
C GLY A 368 -8.21 -4.97 -31.31
N TYR A 369 -8.10 -4.23 -30.24
CA TYR A 369 -8.18 -2.75 -30.25
C TYR A 369 -6.89 -2.16 -29.72
N SER A 370 -6.73 -0.87 -29.83
CA SER A 370 -5.55 -0.21 -29.28
C SER A 370 -5.86 0.13 -27.81
N GLY A 371 -4.79 0.41 -27.10
CA GLY A 371 -4.88 0.81 -25.67
C GLY A 371 -5.19 -0.44 -24.86
N LEU A 372 -5.89 -0.24 -23.77
CA LEU A 372 -6.23 -1.41 -22.92
C LEU A 372 -7.76 -1.59 -22.98
N VAL A 373 -8.19 -2.79 -23.34
CA VAL A 373 -9.65 -3.04 -23.37
C VAL A 373 -9.87 -4.25 -22.46
N ALA A 374 -10.73 -4.14 -21.47
CA ALA A 374 -10.99 -5.24 -20.55
C ALA A 374 -12.48 -5.39 -20.24
N THR A 375 -12.84 -6.59 -19.89
CA THR A 375 -14.22 -6.95 -19.48
C THR A 375 -14.08 -7.36 -18.01
N VAL A 376 -14.78 -6.70 -17.10
CA VAL A 376 -14.66 -7.07 -15.68
C VAL A 376 -16.01 -7.63 -15.24
N SER A 377 -15.95 -8.82 -14.66
CA SER A 377 -17.20 -9.45 -14.19
C SER A 377 -17.48 -9.08 -12.74
N GLY A 378 -18.09 -7.94 -12.52
CA GLY A 378 -18.40 -7.52 -11.12
C GLY A 378 -19.54 -8.49 -10.73
N SER A 379 -19.81 -8.59 -9.45
CA SER A 379 -20.86 -9.48 -8.95
C SER A 379 -22.28 -9.00 -9.22
N GLN A 380 -22.45 -7.72 -9.49
CA GLN A 380 -23.73 -7.10 -9.77
C GLN A 380 -23.77 -6.73 -11.26
N GLN A 381 -22.68 -6.24 -11.82
CA GLN A 381 -22.63 -5.81 -13.21
C GLN A 381 -21.32 -6.13 -13.90
N THR A 382 -21.37 -6.10 -15.21
CA THR A 382 -20.17 -6.30 -16.03
C THR A 382 -19.73 -4.92 -16.50
N LEU A 383 -18.44 -4.67 -16.49
CA LEU A 383 -17.92 -3.38 -16.95
C LEU A 383 -17.04 -3.57 -18.20
N VAL A 384 -17.11 -2.62 -19.09
CA VAL A 384 -16.23 -2.64 -20.28
C VAL A 384 -15.36 -1.38 -20.00
N VAL A 385 -14.06 -1.55 -20.02
CA VAL A 385 -13.09 -0.44 -19.79
C VAL A 385 -12.24 -0.30 -21.05
N ALA A 386 -12.17 0.87 -21.63
CA ALA A 386 -11.37 1.14 -22.85
C ALA A 386 -10.57 2.40 -22.50
N LEU A 387 -9.28 2.20 -22.49
CA LEU A 387 -8.31 3.28 -22.10
C LEU A 387 -7.39 3.52 -23.31
N ASN A 388 -7.37 4.77 -23.76
CA ASN A 388 -6.55 5.14 -24.93
C ASN A 388 -6.78 4.16 -26.10
N SER A 389 -8.03 3.79 -26.31
CA SER A 389 -8.44 2.82 -27.29
C SER A 389 -9.32 3.34 -28.41
N ASP A 390 -9.23 2.59 -29.49
CA ASP A 390 -10.01 2.83 -30.72
C ASP A 390 -11.37 2.09 -30.68
N LEU A 391 -11.58 1.35 -29.62
CA LEU A 391 -12.85 0.61 -29.45
C LEU A 391 -13.96 1.58 -29.78
N GLY A 392 -14.98 1.07 -30.43
CA GLY A 392 -16.13 1.93 -30.80
C GLY A 392 -17.28 1.78 -29.85
N ASN A 393 -17.66 0.55 -29.57
CA ASN A 393 -18.85 0.35 -28.68
C ASN A 393 -18.51 -0.85 -27.83
N PRO A 394 -19.10 -0.89 -26.65
CA PRO A 394 -18.89 -1.98 -25.72
C PRO A 394 -19.27 -3.32 -26.31
N GLY A 395 -20.25 -3.34 -27.18
CA GLY A 395 -20.75 -4.54 -27.82
C GLY A 395 -19.77 -5.16 -28.77
N GLN A 396 -18.71 -4.48 -29.13
CA GLN A 396 -17.68 -5.07 -30.02
C GLN A 396 -16.93 -6.15 -29.27
N VAL A 397 -16.83 -6.01 -27.94
CA VAL A 397 -16.12 -6.94 -27.08
C VAL A 397 -17.00 -7.63 -26.06
N ALA A 398 -18.25 -7.22 -25.83
CA ALA A 398 -19.04 -7.97 -24.84
C ALA A 398 -20.51 -8.06 -25.19
N SER A 399 -21.11 -9.16 -24.75
CA SER A 399 -22.55 -9.38 -24.94
C SER A 399 -23.34 -8.73 -23.80
N GLY A 400 -24.45 -8.12 -24.10
CA GLY A 400 -25.32 -7.46 -23.11
C GLY A 400 -25.61 -6.02 -23.55
N SER A 401 -26.43 -5.46 -22.72
CA SER A 401 -26.92 -4.06 -22.85
C SER A 401 -26.09 -3.15 -21.95
N PHE A 402 -25.31 -2.23 -22.48
CA PHE A 402 -24.41 -1.35 -21.75
C PHE A 402 -24.82 0.11 -21.79
N SER A 403 -24.63 0.78 -20.68
CA SER A 403 -24.86 2.22 -20.55
C SER A 403 -23.44 2.78 -20.22
N GLU A 404 -23.27 4.00 -20.61
CA GLU A 404 -22.04 4.73 -20.36
C GLU A 404 -21.98 5.10 -18.88
N ALA A 405 -20.89 4.79 -18.22
CA ALA A 405 -20.69 5.05 -16.79
C ALA A 405 -19.71 6.19 -16.59
N VAL A 406 -18.65 6.23 -17.37
CA VAL A 406 -17.61 7.25 -17.29
C VAL A 406 -17.12 7.51 -18.71
N ASN A 407 -16.93 8.77 -19.00
CA ASN A 407 -16.41 9.24 -20.28
C ASN A 407 -15.58 10.49 -20.00
N ALA A 408 -14.28 10.35 -19.92
CA ALA A 408 -13.38 11.48 -19.61
C ALA A 408 -12.18 11.48 -20.54
N SER A 409 -11.42 12.55 -20.53
CA SER A 409 -10.26 12.87 -21.32
C SER A 409 -10.47 12.65 -22.82
N ASN A 410 -11.56 13.17 -23.33
CA ASN A 410 -11.92 13.07 -24.75
C ASN A 410 -11.99 11.62 -25.19
N GLY A 411 -12.63 10.80 -24.37
CA GLY A 411 -12.79 9.38 -24.66
C GLY A 411 -11.61 8.50 -24.39
N GLN A 412 -10.56 9.04 -23.86
CA GLN A 412 -9.36 8.22 -23.56
C GLN A 412 -9.67 7.34 -22.36
N VAL A 413 -10.70 7.71 -21.65
CA VAL A 413 -11.18 6.96 -20.50
C VAL A 413 -12.70 6.72 -20.67
N ARG A 414 -13.08 5.51 -20.96
CA ARG A 414 -14.49 5.16 -21.10
C ARG A 414 -14.78 3.89 -20.32
N VAL A 415 -15.88 3.87 -19.61
CA VAL A 415 -16.37 2.75 -18.81
C VAL A 415 -17.88 2.68 -19.03
N TRP A 416 -18.35 1.49 -19.32
CA TRP A 416 -19.73 1.11 -19.55
C TRP A 416 -20.09 0.00 -18.56
N ARG A 417 -21.34 -0.02 -18.17
CA ARG A 417 -21.83 -1.08 -17.27
C ARG A 417 -23.05 -1.73 -17.91
N SER A 418 -23.28 -2.98 -17.60
CA SER A 418 -24.37 -3.78 -18.14
C SER A 418 -25.76 -3.51 -17.56
C1 GLC B . 9.99 1.88 2.43
C2 GLC B . 9.13 3.02 2.84
C3 GLC B . 9.92 4.33 2.74
C4 GLC B . 11.23 4.23 3.48
C5 GLC B . 11.93 2.89 3.54
C6 GLC B . 12.61 2.74 4.91
O1 GLC B . 10.58 1.87 1.17
O2 GLC B . 7.85 3.15 2.23
O3 GLC B . 9.00 5.35 3.16
O4 GLC B . 12.22 5.13 2.94
O5 GLC B . 11.05 1.80 3.43
O6 GLC B . 11.55 2.50 5.85
C1 GLC B . 12.19 6.44 3.49
C2 GLC B . 12.86 7.31 2.52
C3 GLC B . 14.32 7.47 2.77
C4 GLC B . 14.63 7.63 4.25
C5 GLC B . 13.96 6.57 5.11
C6 GLC B . 14.12 6.76 6.59
O2 GLC B . 12.63 6.72 1.22
O3 GLC B . 14.77 8.65 2.12
O4 GLC B . 16.00 7.63 4.41
O5 GLC B . 12.54 6.65 4.84
O6 GLC B . 13.55 8.01 7.01
C1 GLC B . 16.70 8.74 4.91
C2 GLC B . 17.98 9.18 4.27
C3 GLC B . 19.09 8.19 4.60
C4 GLC B . 19.20 8.02 6.12
C5 GLC B . 17.86 7.63 6.77
C6 GLC B . 17.97 7.71 8.26
O2 GLC B . 17.87 9.29 2.86
O3 GLC B . 20.26 8.65 3.95
O4 GLC B . 20.10 6.95 6.41
O5 GLC B . 16.85 8.50 6.31
O6 GLC B . 17.74 9.03 8.77
C1 GLC B . 21.04 7.06 7.47
C2 GLC B . 22.44 7.01 6.90
C3 GLC B . 22.85 5.62 6.45
C4 GLC B . 22.59 4.61 7.60
C5 GLC B . 21.12 4.70 8.02
C6 GLC B . 20.82 3.86 9.23
O2 GLC B . 22.53 7.94 5.85
O3 GLC B . 24.23 5.52 6.13
O4 GLC B . 22.93 3.27 7.29
O5 GLC B . 20.82 6.05 8.42
O6 GLC B . 21.32 4.48 10.44
CA CA C . 16.75 -6.36 8.15
CA CA D . -13.90 -6.06 4.16
#